data_6CSK
#
_entry.id   6CSK
#
_entity_poly.entity_id   1
_entity_poly.type   'polypeptide(L)'
_entity_poly.pdbx_seq_one_letter_code
;PMKLLKRLGKKIRLAAAFK
;
_entity_poly.pdbx_strand_id   A
#
# COMPACT_ATOMS: atom_id res chain seq x y z
N PRO A 1 -8.70 -0.38 10.32
CA PRO A 1 -9.32 -1.54 9.73
C PRO A 1 -8.38 -2.19 8.75
N MET A 2 -8.33 -3.51 8.79
CA MET A 2 -7.41 -4.33 7.99
C MET A 2 -7.64 -4.13 6.49
N LYS A 3 -8.90 -4.04 6.11
CA LYS A 3 -9.27 -3.87 4.70
C LYS A 3 -8.78 -2.53 4.16
N LEU A 4 -8.75 -1.53 5.03
CA LEU A 4 -8.25 -0.21 4.65
C LEU A 4 -6.74 -0.20 4.64
N LEU A 5 -6.13 -1.04 5.48
CA LEU A 5 -4.69 -1.14 5.54
C LEU A 5 -4.15 -1.76 4.26
N LYS A 6 -4.97 -2.58 3.61
CA LYS A 6 -4.63 -3.15 2.31
C LYS A 6 -4.50 -2.03 1.29
N ARG A 7 -5.45 -1.12 1.34
CA ARG A 7 -5.51 0.02 0.42
C ARG A 7 -4.35 0.97 0.69
N LEU A 8 -3.99 1.10 1.95
CA LEU A 8 -2.88 1.93 2.38
C LEU A 8 -1.57 1.30 1.91
N GLY A 9 -1.41 0.03 2.25
CA GLY A 9 -0.21 -0.71 1.94
C GLY A 9 0.06 -0.81 0.46
N LYS A 10 -1.01 -0.93 -0.33
CA LYS A 10 -0.91 -1.00 -1.78
C LYS A 10 -0.17 0.22 -2.35
N LYS A 11 -0.53 1.40 -1.88
CA LYS A 11 0.11 2.63 -2.35
C LYS A 11 1.54 2.73 -1.85
N ILE A 12 1.75 2.30 -0.63
CA ILE A 12 3.08 2.33 -0.04
C ILE A 12 4.03 1.36 -0.75
N ARG A 13 3.56 0.14 -0.97
CA ARG A 13 4.40 -0.88 -1.60
C ARG A 13 4.59 -0.58 -3.10
N LEU A 14 3.61 0.07 -3.71
CA LEU A 14 3.71 0.43 -5.11
C LEU A 14 4.79 1.50 -5.28
N ALA A 15 4.83 2.43 -4.33
CA ALA A 15 5.83 3.48 -4.32
C ALA A 15 7.19 2.90 -3.98
N ALA A 16 7.19 1.83 -3.21
CA ALA A 16 8.41 1.14 -2.81
C ALA A 16 9.04 0.43 -4.00
N ALA A 17 8.19 -0.21 -4.80
CA ALA A 17 8.63 -0.94 -5.98
C ALA A 17 8.98 0.01 -7.12
N PHE A 18 8.40 1.21 -7.07
CA PHE A 18 8.59 2.24 -8.09
C PHE A 18 10.08 2.52 -8.31
N LYS A 19 10.78 2.83 -7.24
CA LYS A 19 12.17 3.09 -7.35
C LYS A 19 12.94 1.79 -7.14
N PRO A 1 -11.21 -0.66 10.31
CA PRO A 1 -11.41 -1.37 9.07
C PRO A 1 -10.09 -1.78 8.45
N MET A 2 -9.77 -3.06 8.58
CA MET A 2 -8.50 -3.62 8.10
C MET A 2 -8.27 -3.43 6.61
N LYS A 3 -9.36 -3.41 5.86
CA LYS A 3 -9.30 -3.27 4.41
C LYS A 3 -8.65 -1.94 3.98
N LEU A 4 -8.77 -0.91 4.82
CA LEU A 4 -8.20 0.37 4.49
C LEU A 4 -6.70 0.35 4.66
N LEU A 5 -6.23 -0.41 5.63
CA LEU A 5 -4.81 -0.58 5.87
C LEU A 5 -4.19 -1.38 4.74
N LYS A 6 -4.98 -2.26 4.15
CA LYS A 6 -4.53 -3.06 3.04
C LYS A 6 -4.43 -2.24 1.77
N ARG A 7 -5.26 -1.21 1.64
CA ARG A 7 -5.13 -0.30 0.50
C ARG A 7 -3.79 0.39 0.60
N LEU A 8 -3.49 0.84 1.81
CA LEU A 8 -2.23 1.52 2.12
C LEU A 8 -1.05 0.55 1.91
N GLY A 9 -1.31 -0.73 2.19
CA GLY A 9 -0.32 -1.77 2.00
C GLY A 9 0.03 -1.93 0.55
N LYS A 10 -0.97 -1.87 -0.30
CA LYS A 10 -0.76 -1.93 -1.72
C LYS A 10 -0.02 -0.70 -2.19
N LYS A 11 -0.40 0.44 -1.64
CA LYS A 11 0.21 1.71 -2.00
C LYS A 11 1.67 1.76 -1.67
N ILE A 12 2.04 1.39 -0.45
CA ILE A 12 3.45 1.41 -0.07
C ILE A 12 4.28 0.47 -0.95
N ARG A 13 3.70 -0.66 -1.32
CA ARG A 13 4.36 -1.63 -2.21
C ARG A 13 4.67 -1.00 -3.57
N LEU A 14 3.65 -0.47 -4.22
CA LEU A 14 3.81 0.14 -5.54
C LEU A 14 4.65 1.41 -5.48
N ALA A 15 4.53 2.16 -4.41
CA ALA A 15 5.26 3.40 -4.26
C ALA A 15 6.73 3.18 -3.94
N ALA A 16 7.03 2.16 -3.14
CA ALA A 16 8.42 1.84 -2.80
C ALA A 16 9.18 1.38 -4.03
N ALA A 17 8.46 0.72 -4.91
CA ALA A 17 9.01 0.23 -6.16
C ALA A 17 9.12 1.35 -7.19
N PHE A 18 8.32 2.38 -7.01
CA PHE A 18 8.28 3.48 -7.96
C PHE A 18 9.52 4.37 -7.83
N LYS A 19 9.86 4.75 -6.62
CA LYS A 19 11.02 5.55 -6.41
C LYS A 19 11.97 4.86 -5.45
N PRO A 1 -12.61 -1.83 8.73
CA PRO A 1 -12.28 -2.90 7.83
C PRO A 1 -10.79 -2.87 7.56
N MET A 2 -10.19 -4.04 7.49
CA MET A 2 -8.76 -4.15 7.28
C MET A 2 -8.40 -3.83 5.81
N LYS A 3 -9.40 -3.90 4.92
CA LYS A 3 -9.23 -3.57 3.48
C LYS A 3 -8.47 -2.26 3.28
N LEU A 4 -8.88 -1.22 3.99
CA LEU A 4 -8.25 0.09 3.84
C LEU A 4 -6.84 0.12 4.40
N LEU A 5 -6.58 -0.69 5.43
CA LEU A 5 -5.26 -0.78 6.04
C LEU A 5 -4.31 -1.47 5.08
N LYS A 6 -4.82 -2.52 4.42
CA LYS A 6 -4.06 -3.24 3.42
C LYS A 6 -3.83 -2.35 2.22
N ARG A 7 -4.83 -1.54 1.88
CA ARG A 7 -4.76 -0.61 0.77
C ARG A 7 -3.67 0.43 1.00
N LEU A 8 -3.54 0.89 2.24
CA LEU A 8 -2.49 1.84 2.60
C LEU A 8 -1.13 1.22 2.37
N GLY A 9 -0.92 0.03 2.93
CA GLY A 9 0.35 -0.67 2.78
C GLY A 9 0.64 -0.99 1.33
N LYS A 10 -0.40 -1.33 0.61
CA LYS A 10 -0.31 -1.66 -0.81
C LYS A 10 0.19 -0.43 -1.60
N LYS A 11 -0.29 0.74 -1.22
CA LYS A 11 0.10 1.99 -1.87
C LYS A 11 1.57 2.27 -1.59
N ILE A 12 1.99 2.02 -0.36
CA ILE A 12 3.37 2.23 0.06
C ILE A 12 4.30 1.27 -0.72
N ARG A 13 3.79 0.07 -0.97
CA ARG A 13 4.54 -0.91 -1.74
C ARG A 13 4.55 -0.55 -3.23
N LEU A 14 3.49 0.08 -3.69
CA LEU A 14 3.40 0.53 -5.08
C LEU A 14 4.38 1.69 -5.29
N ALA A 15 4.56 2.49 -4.26
CA ALA A 15 5.51 3.58 -4.30
C ALA A 15 6.93 3.03 -4.38
N ALA A 16 7.24 2.08 -3.50
CA ALA A 16 8.56 1.47 -3.46
C ALA A 16 8.87 0.67 -4.72
N ALA A 17 7.84 0.11 -5.32
CA ALA A 17 7.98 -0.66 -6.56
C ALA A 17 8.39 0.23 -7.72
N PHE A 18 8.03 1.50 -7.62
CA PHE A 18 8.34 2.47 -8.64
C PHE A 18 9.78 2.99 -8.47
N LYS A 19 10.32 2.76 -7.29
CA LYS A 19 11.70 3.10 -6.98
C LYS A 19 12.59 1.92 -7.28
N PRO A 1 -9.54 -0.84 10.50
CA PRO A 1 -10.02 -1.28 9.22
C PRO A 1 -8.89 -1.92 8.44
N MET A 2 -8.86 -3.23 8.44
CA MET A 2 -7.83 -4.01 7.79
C MET A 2 -7.87 -3.82 6.27
N LYS A 3 -9.06 -3.62 5.72
CA LYS A 3 -9.24 -3.37 4.29
C LYS A 3 -8.44 -2.15 3.88
N LEU A 4 -8.62 -1.08 4.64
CA LEU A 4 -7.98 0.19 4.35
C LEU A 4 -6.49 0.12 4.67
N LEU A 5 -6.14 -0.71 5.63
CA LEU A 5 -4.74 -0.92 6.00
C LEU A 5 -4.01 -1.61 4.83
N LYS A 6 -4.68 -2.57 4.21
CA LYS A 6 -4.12 -3.25 3.06
C LYS A 6 -4.13 -2.36 1.83
N ARG A 7 -5.15 -1.52 1.73
CA ARG A 7 -5.27 -0.56 0.64
C ARG A 7 -4.16 0.49 0.75
N LEU A 8 -3.90 0.94 1.97
CA LEU A 8 -2.85 1.91 2.23
C LEU A 8 -1.50 1.26 1.95
N GLY A 9 -1.37 0.01 2.39
CA GLY A 9 -0.17 -0.76 2.17
C GLY A 9 0.08 -1.02 0.71
N LYS A 10 -1.00 -1.18 -0.05
CA LYS A 10 -0.93 -1.41 -1.49
C LYS A 10 -0.26 -0.23 -2.17
N LYS A 11 -0.65 0.95 -1.76
CA LYS A 11 -0.09 2.17 -2.29
C LYS A 11 1.38 2.27 -1.94
N ILE A 12 1.72 1.82 -0.74
CA ILE A 12 3.11 1.78 -0.29
C ILE A 12 3.88 0.76 -1.14
N ARG A 13 3.25 -0.38 -1.44
CA ARG A 13 3.84 -1.43 -2.29
C ARG A 13 4.24 -0.87 -3.65
N LEU A 14 3.33 -0.13 -4.27
CA LEU A 14 3.61 0.49 -5.56
C LEU A 14 4.72 1.54 -5.45
N ALA A 15 4.66 2.34 -4.39
CA ALA A 15 5.63 3.40 -4.17
C ALA A 15 7.02 2.82 -3.88
N ALA A 16 7.05 1.74 -3.11
CA ALA A 16 8.28 1.06 -2.72
C ALA A 16 9.06 0.55 -3.93
N ALA A 17 8.33 0.10 -4.92
CA ALA A 17 8.95 -0.37 -6.13
C ALA A 17 9.38 0.82 -6.99
N PHE A 18 8.60 1.87 -6.93
CA PHE A 18 8.79 3.04 -7.77
C PHE A 18 10.03 3.86 -7.37
N LYS A 19 10.26 4.04 -6.08
CA LYS A 19 11.33 4.87 -5.57
C LYS A 19 12.74 4.37 -5.98
N PRO A 1 -10.16 -2.35 10.02
CA PRO A 1 -10.03 -3.64 9.40
C PRO A 1 -8.89 -3.64 8.42
N MET A 2 -8.62 -4.79 7.84
CA MET A 2 -7.47 -4.96 6.97
C MET A 2 -7.67 -4.39 5.58
N LYS A 3 -8.92 -4.22 5.15
CA LYS A 3 -9.22 -3.67 3.82
C LYS A 3 -8.52 -2.33 3.55
N LEU A 4 -8.82 -1.32 4.35
CA LEU A 4 -8.23 -0.01 4.17
C LEU A 4 -6.80 0.03 4.65
N LEU A 5 -6.46 -0.86 5.56
CA LEU A 5 -5.09 -0.97 6.07
C LEU A 5 -4.18 -1.45 4.95
N LYS A 6 -4.61 -2.49 4.28
CA LYS A 6 -3.86 -3.07 3.21
C LYS A 6 -3.91 -2.18 1.98
N ARG A 7 -4.98 -1.43 1.84
CA ARG A 7 -5.12 -0.51 0.72
C ARG A 7 -4.22 0.73 0.96
N LEU A 8 -3.99 1.05 2.21
CA LEU A 8 -3.07 2.12 2.59
C LEU A 8 -1.65 1.67 2.28
N GLY A 9 -1.35 0.46 2.73
CA GLY A 9 -0.04 -0.13 2.52
C GLY A 9 0.22 -0.40 1.05
N LYS A 10 -0.85 -0.67 0.31
CA LYS A 10 -0.80 -0.88 -1.13
C LYS A 10 -0.12 0.29 -1.84
N LYS A 11 -0.47 1.51 -1.45
CA LYS A 11 0.12 2.70 -2.04
C LYS A 11 1.60 2.80 -1.70
N ILE A 12 1.93 2.35 -0.49
CA ILE A 12 3.31 2.36 -0.01
C ILE A 12 4.10 1.35 -0.84
N ARG A 13 3.57 0.16 -0.93
CA ARG A 13 4.18 -0.95 -1.67
C ARG A 13 4.29 -0.64 -3.14
N LEU A 14 3.27 0.00 -3.69
CA LEU A 14 3.25 0.40 -5.08
C LEU A 14 4.40 1.34 -5.36
N ALA A 15 4.49 2.41 -4.56
CA ALA A 15 5.54 3.40 -4.72
C ALA A 15 6.90 2.77 -4.49
N ALA A 16 7.01 1.94 -3.45
CA ALA A 16 8.26 1.27 -3.09
C ALA A 16 8.76 0.36 -4.20
N ALA A 17 7.85 -0.13 -5.02
CA ALA A 17 8.20 -1.02 -6.11
C ALA A 17 8.83 -0.25 -7.26
N PHE A 18 8.52 1.03 -7.35
CA PHE A 18 9.08 1.88 -8.34
C PHE A 18 10.46 2.39 -7.93
N LYS A 19 10.74 2.32 -6.63
CA LYS A 19 11.99 2.81 -6.10
C LYS A 19 13.05 1.71 -6.20
N PRO A 1 -8.42 -1.47 11.05
CA PRO A 1 -9.18 -1.83 9.88
C PRO A 1 -8.24 -2.41 8.86
N MET A 2 -8.23 -3.72 8.72
CA MET A 2 -7.23 -4.40 7.91
C MET A 2 -7.42 -4.12 6.42
N LYS A 3 -8.65 -4.00 6.00
CA LYS A 3 -8.95 -3.78 4.59
C LYS A 3 -8.51 -2.40 4.15
N LEU A 4 -8.64 -1.44 5.04
CA LEU A 4 -8.23 -0.08 4.74
C LEU A 4 -6.72 0.03 4.79
N LEU A 5 -6.10 -0.80 5.61
CA LEU A 5 -4.65 -0.87 5.66
C LEU A 5 -4.13 -1.55 4.43
N LYS A 6 -4.94 -2.42 3.83
CA LYS A 6 -4.58 -3.05 2.58
C LYS A 6 -4.61 -2.05 1.44
N ARG A 7 -5.43 -1.02 1.57
CA ARG A 7 -5.47 0.05 0.59
C ARG A 7 -4.24 0.94 0.76
N LEU A 8 -3.87 1.15 2.02
CA LEU A 8 -2.67 1.89 2.36
C LEU A 8 -1.46 1.14 1.84
N GLY A 9 -1.37 -0.12 2.19
CA GLY A 9 -0.29 -0.98 1.76
C GLY A 9 -0.19 -1.04 0.26
N LYS A 10 -1.35 -1.09 -0.39
CA LYS A 10 -1.46 -1.14 -1.85
C LYS A 10 -0.66 -0.01 -2.51
N LYS A 11 -0.83 1.21 -2.01
CA LYS A 11 -0.16 2.34 -2.61
C LYS A 11 1.31 2.39 -2.19
N ILE A 12 1.59 1.99 -0.96
CA ILE A 12 2.95 1.97 -0.45
C ILE A 12 3.77 0.94 -1.22
N ARG A 13 3.14 -0.20 -1.52
CA ARG A 13 3.73 -1.26 -2.34
C ARG A 13 4.23 -0.71 -3.67
N LEU A 14 3.40 0.10 -4.30
CA LEU A 14 3.74 0.71 -5.58
C LEU A 14 4.89 1.71 -5.42
N ALA A 15 4.79 2.53 -4.39
CA ALA A 15 5.79 3.56 -4.11
C ALA A 15 7.15 2.95 -3.76
N ALA A 16 7.12 1.88 -3.01
CA ALA A 16 8.32 1.17 -2.59
C ALA A 16 8.89 0.32 -3.72
N ALA A 17 8.04 -0.07 -4.65
CA ALA A 17 8.46 -0.86 -5.80
C ALA A 17 9.03 0.05 -6.87
N PHE A 18 8.63 1.30 -6.84
CA PHE A 18 9.07 2.31 -7.78
C PHE A 18 10.55 2.64 -7.57
N LYS A 19 10.98 2.66 -6.33
CA LYS A 19 12.35 2.96 -5.99
C LYS A 19 13.29 1.82 -6.40
N PRO A 1 -9.78 -0.42 10.71
CA PRO A 1 -10.36 -1.35 9.78
C PRO A 1 -9.30 -1.85 8.83
N MET A 2 -9.15 -3.17 8.76
CA MET A 2 -8.14 -3.85 7.95
C MET A 2 -8.19 -3.42 6.49
N LYS A 3 -9.39 -3.18 6.00
CA LYS A 3 -9.60 -2.78 4.61
C LYS A 3 -8.84 -1.50 4.20
N LEU A 4 -8.61 -0.61 5.17
CA LEU A 4 -7.89 0.62 4.88
C LEU A 4 -6.39 0.37 4.90
N LEU A 5 -5.95 -0.48 5.82
CA LEU A 5 -4.54 -0.86 5.91
C LEU A 5 -4.16 -1.66 4.68
N LYS A 6 -5.10 -2.47 4.23
CA LYS A 6 -4.95 -3.28 3.04
C LYS A 6 -4.82 -2.37 1.82
N ARG A 7 -5.63 -1.32 1.78
CA ARG A 7 -5.60 -0.34 0.72
C ARG A 7 -4.22 0.33 0.67
N LEU A 8 -3.69 0.64 1.83
CA LEU A 8 -2.39 1.28 1.91
C LEU A 8 -1.28 0.29 1.53
N GLY A 9 -1.51 -0.98 1.85
CA GLY A 9 -0.56 -2.05 1.60
C GLY A 9 -0.05 -2.07 0.18
N LYS A 10 -0.95 -2.09 -0.79
CA LYS A 10 -0.53 -2.11 -2.18
C LYS A 10 0.07 -0.77 -2.59
N LYS A 11 -0.47 0.30 -2.05
CA LYS A 11 -0.02 1.65 -2.38
C LYS A 11 1.42 1.91 -1.93
N ILE A 12 1.73 1.53 -0.71
CA ILE A 12 3.06 1.79 -0.15
C ILE A 12 4.13 0.95 -0.82
N ARG A 13 3.80 -0.31 -1.12
CA ARG A 13 4.76 -1.19 -1.78
C ARG A 13 4.99 -0.76 -3.22
N LEU A 14 3.95 -0.22 -3.84
CA LEU A 14 4.04 0.29 -5.19
C LEU A 14 4.89 1.57 -5.20
N ALA A 15 4.72 2.39 -4.18
CA ALA A 15 5.47 3.62 -4.02
C ALA A 15 6.95 3.31 -3.86
N ALA A 16 7.24 2.28 -3.09
CA ALA A 16 8.60 1.84 -2.88
C ALA A 16 9.20 1.30 -4.17
N ALA A 17 8.41 0.56 -4.93
CA ALA A 17 8.86 -0.01 -6.20
C ALA A 17 9.09 1.09 -7.23
N PHE A 18 8.35 2.16 -7.11
CA PHE A 18 8.43 3.31 -8.01
C PHE A 18 9.77 4.03 -7.86
N LYS A 19 10.37 3.96 -6.69
CA LYS A 19 11.66 4.58 -6.45
C LYS A 19 12.76 3.55 -6.59
N PRO A 1 -7.59 -1.94 11.14
CA PRO A 1 -8.57 -1.91 10.07
C PRO A 1 -8.12 -2.84 8.96
N MET A 2 -8.96 -3.78 8.56
CA MET A 2 -8.60 -4.77 7.55
C MET A 2 -8.42 -4.20 6.15
N LYS A 3 -9.38 -3.42 5.69
CA LYS A 3 -9.37 -2.98 4.30
C LYS A 3 -8.41 -1.83 4.04
N LEU A 4 -8.66 -0.69 4.67
CA LEU A 4 -7.87 0.51 4.39
C LEU A 4 -6.38 0.35 4.65
N LEU A 5 -6.02 -0.45 5.65
CA LEU A 5 -4.61 -0.65 5.96
C LEU A 5 -3.92 -1.42 4.84
N LYS A 6 -4.61 -2.39 4.27
CA LYS A 6 -4.04 -3.20 3.21
C LYS A 6 -4.05 -2.45 1.90
N ARG A 7 -5.06 -1.59 1.72
CA ARG A 7 -5.12 -0.75 0.53
C ARG A 7 -4.00 0.28 0.59
N LEU A 8 -3.81 0.85 1.78
CA LEU A 8 -2.72 1.77 2.03
C LEU A 8 -1.41 1.07 1.76
N GLY A 9 -1.28 -0.16 2.27
CA GLY A 9 -0.10 -0.97 2.07
C GLY A 9 0.19 -1.23 0.62
N LYS A 10 -0.86 -1.43 -0.16
CA LYS A 10 -0.76 -1.64 -1.59
C LYS A 10 -0.13 -0.40 -2.26
N LYS A 11 -0.52 0.77 -1.78
CA LYS A 11 0.03 2.03 -2.29
C LYS A 11 1.46 2.21 -1.80
N ILE A 12 1.71 1.83 -0.56
CA ILE A 12 3.04 1.93 0.06
C ILE A 12 4.06 1.08 -0.72
N ARG A 13 3.69 -0.17 -1.00
CA ARG A 13 4.57 -1.07 -1.72
C ARG A 13 4.72 -0.63 -3.17
N LEU A 14 3.66 -0.02 -3.70
CA LEU A 14 3.68 0.49 -5.06
C LEU A 14 4.73 1.59 -5.17
N ALA A 15 4.73 2.49 -4.21
CA ALA A 15 5.68 3.59 -4.18
C ALA A 15 7.12 3.08 -4.00
N ALA A 16 7.27 2.02 -3.22
CA ALA A 16 8.58 1.43 -2.97
C ALA A 16 9.13 0.73 -4.22
N ALA A 17 8.24 0.18 -5.01
CA ALA A 17 8.60 -0.47 -6.25
C ALA A 17 8.73 0.53 -7.38
N PHE A 18 8.04 1.66 -7.23
CA PHE A 18 8.00 2.72 -8.22
C PHE A 18 9.38 3.36 -8.41
N LYS A 19 10.10 3.50 -7.32
CA LYS A 19 11.43 4.07 -7.36
C LYS A 19 12.44 3.01 -7.76
N PRO A 1 -13.59 -1.44 7.86
CA PRO A 1 -13.08 -2.58 7.15
C PRO A 1 -11.58 -2.50 7.08
N MET A 2 -10.91 -3.56 7.49
CA MET A 2 -9.46 -3.58 7.58
C MET A 2 -8.82 -3.60 6.22
N LYS A 3 -9.58 -4.06 5.22
CA LYS A 3 -9.12 -4.11 3.83
C LYS A 3 -8.68 -2.74 3.34
N LEU A 4 -9.32 -1.71 3.85
CA LEU A 4 -9.01 -0.34 3.45
C LEU A 4 -7.63 0.05 3.96
N LEU A 5 -7.28 -0.44 5.14
CA LEU A 5 -6.00 -0.15 5.78
C LEU A 5 -4.90 -0.95 5.10
N LYS A 6 -5.28 -2.13 4.61
CA LYS A 6 -4.36 -3.00 3.86
C LYS A 6 -3.84 -2.27 2.62
N ARG A 7 -4.71 -1.49 2.03
CA ARG A 7 -4.39 -0.70 0.84
C ARG A 7 -3.34 0.34 1.14
N LEU A 8 -3.32 0.83 2.37
CA LEU A 8 -2.35 1.83 2.78
C LEU A 8 -0.96 1.22 2.79
N GLY A 9 -0.91 -0.05 3.15
CA GLY A 9 0.33 -0.77 3.13
C GLY A 9 0.71 -1.16 1.72
N LYS A 10 -0.30 -1.37 0.89
CA LYS A 10 -0.10 -1.73 -0.49
C LYS A 10 0.43 -0.52 -1.28
N LYS A 11 -0.01 0.69 -0.94
CA LYS A 11 0.51 1.89 -1.60
C LYS A 11 2.01 2.02 -1.42
N ILE A 12 2.50 1.47 -0.31
CA ILE A 12 3.92 1.48 0.01
C ILE A 12 4.70 0.68 -1.04
N ARG A 13 4.23 -0.54 -1.35
CA ARG A 13 4.92 -1.37 -2.34
C ARG A 13 4.82 -0.77 -3.75
N LEU A 14 3.72 -0.07 -4.02
CA LEU A 14 3.56 0.63 -5.29
C LEU A 14 4.55 1.78 -5.39
N ALA A 15 4.77 2.45 -4.28
CA ALA A 15 5.67 3.59 -4.24
C ALA A 15 7.12 3.13 -4.37
N ALA A 16 7.45 2.06 -3.67
CA ALA A 16 8.80 1.51 -3.68
C ALA A 16 9.15 0.87 -5.02
N ALA A 17 8.15 0.37 -5.71
CA ALA A 17 8.38 -0.25 -7.01
C ALA A 17 8.41 0.81 -8.10
N PHE A 18 7.77 1.93 -7.83
CA PHE A 18 7.70 3.02 -8.78
C PHE A 18 9.08 3.67 -8.97
N LYS A 19 9.80 3.85 -7.88
CA LYS A 19 11.10 4.42 -7.96
C LYS A 19 12.13 3.41 -8.48
N PRO A 1 -12.02 -1.67 9.20
CA PRO A 1 -11.20 -0.86 8.32
C PRO A 1 -9.88 -1.56 7.93
N MET A 2 -9.84 -2.92 8.02
CA MET A 2 -8.59 -3.64 7.70
C MET A 2 -8.27 -3.54 6.21
N LYS A 3 -9.30 -3.46 5.38
CA LYS A 3 -9.11 -3.37 3.93
C LYS A 3 -8.40 -2.08 3.56
N LEU A 4 -8.66 -1.05 4.34
CA LEU A 4 -8.06 0.25 4.11
C LEU A 4 -6.58 0.20 4.45
N LEU A 5 -6.26 -0.58 5.48
CA LEU A 5 -4.88 -0.75 5.91
C LEU A 5 -4.10 -1.47 4.84
N LYS A 6 -4.67 -2.54 4.30
CA LYS A 6 -4.04 -3.30 3.27
C LYS A 6 -3.95 -2.48 1.98
N ARG A 7 -4.94 -1.62 1.76
CA ARG A 7 -4.94 -0.73 0.59
C ARG A 7 -3.81 0.28 0.73
N LEU A 8 -3.60 0.77 1.94
CA LEU A 8 -2.51 1.66 2.24
C LEU A 8 -1.19 0.93 2.00
N GLY A 9 -1.14 -0.32 2.46
CA GLY A 9 0.03 -1.17 2.24
C GLY A 9 0.33 -1.33 0.76
N LYS A 10 -0.72 -1.50 -0.03
CA LYS A 10 -0.60 -1.60 -1.47
C LYS A 10 0.04 -0.34 -2.05
N LYS A 11 -0.43 0.82 -1.61
CA LYS A 11 0.11 2.08 -2.09
C LYS A 11 1.56 2.26 -1.67
N ILE A 12 1.87 1.78 -0.48
CA ILE A 12 3.22 1.79 0.05
C ILE A 12 4.13 0.90 -0.81
N ARG A 13 3.67 -0.29 -1.11
CA ARG A 13 4.42 -1.23 -1.92
C ARG A 13 4.53 -0.77 -3.37
N LEU A 14 3.50 -0.08 -3.83
CA LEU A 14 3.50 0.52 -5.15
C LEU A 14 4.61 1.56 -5.20
N ALA A 15 4.61 2.44 -4.20
CA ALA A 15 5.59 3.51 -4.08
C ALA A 15 6.99 2.97 -3.94
N ALA A 16 7.10 1.87 -3.21
CA ALA A 16 8.37 1.21 -2.96
C ALA A 16 9.03 0.76 -4.25
N ALA A 17 8.23 0.19 -5.13
CA ALA A 17 8.71 -0.29 -6.39
C ALA A 17 8.77 0.83 -7.44
N PHE A 18 7.96 1.86 -7.23
CA PHE A 18 7.82 3.00 -8.15
C PHE A 18 9.16 3.62 -8.52
N LYS A 19 9.93 4.04 -7.54
CA LYS A 19 11.19 4.69 -7.80
C LYS A 19 12.25 3.67 -8.24
#